data_8IB1
#
_entry.id   8IB1
#
_cell.length_a   68.050
_cell.length_b   86.510
_cell.length_c   89.970
_cell.angle_alpha   90.000
_cell.angle_beta   90.000
_cell.angle_gamma   90.000
#
_symmetry.space_group_name_H-M   'P 21 21 2'
#
loop_
_entity.id
_entity.type
_entity.pdbx_description
1 polymer 'LAH31 Fab light chain'
2 polymer 'LAH31 Fab heavy chain'
3 polymer 'Hemagglutinin HA2 chain'
4 water water
#
loop_
_entity_poly.entity_id
_entity_poly.type
_entity_poly.pdbx_seq_one_letter_code
_entity_poly.pdbx_strand_id
1 'polypeptide(L)'
;MDAMKRGLCCVLLLCGAVFVSPSASDIVMTQSPLSLPVIPGEPASISCRSSQSLLQSNGNNYLDWYLQKPGQSPQLLIYL
GSNRASGVPDRFSGSGSGTDFTLTISRVEAEDVGVYYCLQARQSSVLTFGGGTKLEIKRTVAAPSVFIFPPSDEQLKSGT
ASVVCLLNNFYPREAKVQWKVDNALQSGNSQESVTEQDSKDSTYSLSSTLTLSKADYEKHKVYACEVTHQGLSSPVTKSF
NRGEC
;
A
2 'polypeptide(L)'
;MDAMKRGLCCVLLLCGAVFVSPSASQVQLEQSGAEVKKPGSSVKVSCKASGPMFSRSAFSWVRQAPGQGLEWMGRIIPTV
DLKNYAQKFQGRVTFTADKSTATSYMELRSLKSEDTAVYYCARMGSGSSYYGMDVWGLGTTVTVSSGASTKGPSVFPLAP
SSKSTSGGTAALGCLVKDYFPEPVTVSWNSGALTSGVHTFPAVLQSSGLYSLSSVVTVPSSSLGTQTYICNVNHKPSNTK
VDKRVEPKSCDKGSSLEVLFQGPLGHHHHHH
;
B
3 'polypeptide(L)' VALENQHTIDLTDSE C
#
# COMPACT_ATOMS: atom_id res chain seq x y z
N ASP A 26 10.98 -20.86 -15.79
CA ASP A 26 12.27 -21.10 -15.15
C ASP A 26 12.11 -21.62 -13.71
N ILE A 27 12.19 -20.74 -12.71
CA ILE A 27 12.16 -21.14 -11.31
C ILE A 27 10.91 -20.58 -10.65
N VAL A 28 10.19 -21.43 -9.93
CA VAL A 28 8.95 -21.07 -9.26
C VAL A 28 9.20 -21.02 -7.75
N MET A 29 8.66 -20.00 -7.09
CA MET A 29 8.83 -19.80 -5.65
C MET A 29 7.50 -20.01 -4.94
N THR A 30 7.48 -20.94 -3.99
CA THR A 30 6.34 -21.14 -3.10
C THR A 30 6.59 -20.41 -1.78
N GLN A 31 5.55 -19.83 -1.23
CA GLN A 31 5.59 -19.24 0.09
C GLN A 31 4.38 -19.72 0.87
N SER A 32 4.58 -20.10 2.13
CA SER A 32 3.46 -20.56 2.95
C SER A 32 3.72 -20.21 4.40
N PRO A 33 2.65 -19.93 5.18
CA PRO A 33 1.27 -19.85 4.71
C PRO A 33 1.00 -18.54 3.98
N LEU A 34 -0.24 -18.34 3.50
CA LEU A 34 -0.63 -17.06 2.92
C LEU A 34 -0.74 -15.99 3.98
N SER A 35 -1.21 -16.36 5.17
CA SER A 35 -1.40 -15.46 6.29
C SER A 35 -1.05 -16.22 7.56
N LEU A 36 -0.52 -15.48 8.55
CA LEU A 36 0.07 -16.06 9.74
C LEU A 36 -0.28 -15.18 10.95
N PRO A 37 -1.28 -15.58 11.74
CA PRO A 37 -1.60 -14.83 12.97
C PRO A 37 -0.72 -15.28 14.11
N VAL A 38 -0.07 -14.32 14.79
CA VAL A 38 0.88 -14.65 15.84
C VAL A 38 0.62 -13.75 17.05
N ILE A 39 0.57 -14.37 18.22
CA ILE A 39 0.40 -13.60 19.46
C ILE A 39 1.66 -12.79 19.72
N PRO A 40 1.54 -11.51 20.12
CA PRO A 40 2.74 -10.70 20.38
C PRO A 40 3.67 -11.36 21.39
N GLY A 41 4.97 -11.30 21.08
CA GLY A 41 5.97 -11.96 21.90
C GLY A 41 6.26 -13.39 21.53
N GLU A 42 5.45 -14.01 20.68
CA GLU A 42 5.65 -15.41 20.35
C GLU A 42 6.31 -15.56 18.97
N PRO A 43 6.92 -16.71 18.69
CA PRO A 43 7.66 -16.85 17.43
C PRO A 43 6.77 -17.09 16.22
N ALA A 44 7.27 -16.65 15.07
CA ALA A 44 6.64 -16.92 13.78
C ALA A 44 7.64 -17.58 12.85
N SER A 45 7.14 -18.47 12.00
CA SER A 45 7.97 -19.18 11.03
C SER A 45 7.29 -19.15 9.67
N ILE A 46 8.02 -18.71 8.65
CA ILE A 46 7.51 -18.54 7.29
C ILE A 46 8.38 -19.39 6.36
N SER A 47 7.72 -20.15 5.49
CA SER A 47 8.42 -21.07 4.59
C SER A 47 8.44 -20.55 3.17
N CYS A 48 9.54 -20.82 2.48
CA CYS A 48 9.67 -20.49 1.07
C CYS A 48 10.27 -21.68 0.36
N ARG A 49 9.70 -22.03 -0.79
CA ARG A 49 10.09 -23.20 -1.54
C ARG A 49 10.43 -22.80 -2.96
N SER A 50 11.56 -23.29 -3.47
CA SER A 50 11.96 -23.05 -4.85
C SER A 50 11.88 -24.36 -5.63
N SER A 51 11.47 -24.25 -6.89
CA SER A 51 11.40 -25.44 -7.73
C SER A 51 12.77 -25.93 -8.17
N GLN A 52 13.83 -25.14 -7.97
CA GLN A 52 15.19 -25.52 -8.26
C GLN A 52 16.09 -25.06 -7.11
N SER A 53 17.16 -25.81 -6.88
CA SER A 53 18.15 -25.39 -5.89
C SER A 53 18.66 -23.98 -6.18
N LEU A 54 18.78 -23.18 -5.13
CA LEU A 54 19.27 -21.82 -5.23
C LEU A 54 20.74 -21.69 -4.84
N LEU A 55 21.40 -22.81 -4.56
CA LEU A 55 22.79 -22.81 -4.13
C LEU A 55 23.70 -22.62 -5.32
N GLN A 56 24.56 -21.60 -5.28
CA GLN A 56 25.48 -21.30 -6.37
C GLN A 56 26.85 -21.91 -6.12
N SER A 57 27.69 -21.85 -7.15
CA SER A 57 29.02 -22.43 -7.07
C SER A 57 29.94 -21.70 -6.10
N ASN A 58 29.58 -20.49 -5.66
CA ASN A 58 30.32 -19.78 -4.63
C ASN A 58 29.84 -20.10 -3.22
N GLY A 59 28.94 -21.08 -3.06
CA GLY A 59 28.49 -21.50 -1.76
C GLY A 59 27.32 -20.70 -1.20
N ASN A 60 26.90 -19.64 -1.87
CA ASN A 60 25.77 -18.83 -1.41
C ASN A 60 24.46 -19.37 -1.95
N ASN A 61 23.43 -19.35 -1.10
CA ASN A 61 22.05 -19.59 -1.53
C ASN A 61 21.42 -18.24 -1.85
N TYR A 62 20.99 -18.06 -3.09
CA TYR A 62 20.45 -16.75 -3.50
C TYR A 62 18.95 -16.70 -3.24
N LEU A 63 18.62 -16.62 -1.95
CA LEU A 63 17.25 -16.43 -1.48
C LEU A 63 17.22 -15.26 -0.50
N ASP A 64 16.47 -14.21 -0.83
CA ASP A 64 16.29 -13.05 0.03
C ASP A 64 14.89 -13.06 0.63
N TRP A 65 14.74 -12.33 1.74
CA TRP A 65 13.44 -12.02 2.32
C TRP A 65 13.25 -10.51 2.36
N TYR A 66 12.08 -10.05 1.92
CA TYR A 66 11.69 -8.65 1.94
C TYR A 66 10.44 -8.47 2.79
N LEU A 67 10.32 -7.30 3.40
CA LEU A 67 9.13 -6.94 4.18
C LEU A 67 8.54 -5.68 3.58
N GLN A 68 7.22 -5.68 3.36
CA GLN A 68 6.50 -4.49 2.97
C GLN A 68 5.50 -4.14 4.06
N LYS A 69 5.80 -3.09 4.83
CA LYS A 69 4.88 -2.60 5.84
C LYS A 69 3.78 -1.78 5.18
N PRO A 70 2.63 -1.62 5.87
CA PRO A 70 1.50 -0.93 5.25
C PRO A 70 1.86 0.47 4.78
N GLY A 71 1.52 0.77 3.53
CA GLY A 71 1.76 2.08 2.97
C GLY A 71 3.18 2.39 2.60
N GLN A 72 4.10 1.43 2.69
CA GLN A 72 5.52 1.64 2.46
C GLN A 72 6.02 0.84 1.26
N SER A 73 7.22 1.19 0.81
CA SER A 73 7.93 0.39 -0.17
C SER A 73 8.47 -0.87 0.50
N PRO A 74 8.69 -1.94 -0.26
CA PRO A 74 9.40 -3.09 0.29
C PRO A 74 10.77 -2.68 0.82
N GLN A 75 11.25 -3.43 1.79
CA GLN A 75 12.59 -3.22 2.34
C GLN A 75 13.26 -4.57 2.50
N LEU A 76 14.58 -4.59 2.27
CA LEU A 76 15.33 -5.82 2.44
C LEU A 76 15.40 -6.20 3.91
N LEU A 77 15.16 -7.47 4.20
CA LEU A 77 15.25 -8.00 5.55
C LEU A 77 16.40 -8.99 5.70
N ILE A 78 16.42 -10.01 4.85
CA ILE A 78 17.46 -11.03 4.81
C ILE A 78 17.94 -11.16 3.37
N TYR A 79 19.25 -11.18 3.16
CA TYR A 79 19.77 -11.45 1.83
C TYR A 79 20.57 -12.74 1.85
N LEU A 80 20.50 -13.47 0.72
CA LEU A 80 21.29 -14.66 0.49
C LEU A 80 21.14 -15.68 1.62
N GLY A 81 19.87 -16.00 1.92
CA GLY A 81 19.54 -17.07 2.84
C GLY A 81 19.50 -16.70 4.31
N SER A 82 20.61 -16.18 4.85
CA SER A 82 20.73 -16.04 6.30
C SER A 82 21.40 -14.74 6.75
N ASN A 83 21.58 -13.75 5.88
CA ASN A 83 22.30 -12.54 6.22
C ASN A 83 21.31 -11.41 6.52
N ARG A 84 21.36 -10.90 7.75
CA ARG A 84 20.51 -9.77 8.12
C ARG A 84 20.96 -8.49 7.44
N ALA A 85 20.01 -7.75 6.87
CA ALA A 85 20.35 -6.43 6.33
C ALA A 85 20.66 -5.48 7.48
N SER A 86 21.28 -4.34 7.16
CA SER A 86 21.68 -3.43 8.22
C SER A 86 20.46 -2.84 8.91
N GLY A 87 20.55 -2.69 10.23
CA GLY A 87 19.43 -2.23 11.03
C GLY A 87 18.38 -3.27 11.35
N VAL A 88 18.48 -4.48 10.83
CA VAL A 88 17.47 -5.50 11.10
C VAL A 88 17.78 -6.17 12.44
N PRO A 89 16.84 -6.19 13.38
CA PRO A 89 17.11 -6.77 14.70
C PRO A 89 17.37 -8.26 14.63
N ASP A 90 18.05 -8.78 15.64
CA ASP A 90 18.45 -10.18 15.59
C ASP A 90 17.31 -11.15 15.84
N ARG A 91 16.12 -10.68 16.19
CA ARG A 91 15.00 -11.61 16.26
C ARG A 91 14.56 -12.11 14.88
N PHE A 92 15.03 -11.48 13.81
CA PHE A 92 14.83 -11.99 12.45
C PHE A 92 16.00 -12.88 12.08
N SER A 93 15.71 -14.08 11.59
CA SER A 93 16.78 -14.94 11.12
C SER A 93 16.30 -15.78 9.94
N GLY A 94 17.16 -15.93 8.94
CA GLY A 94 16.88 -16.77 7.78
C GLY A 94 17.71 -18.05 7.87
N SER A 95 17.11 -19.16 7.45
CA SER A 95 17.81 -20.44 7.43
C SER A 95 17.39 -21.22 6.19
N GLY A 96 18.14 -22.28 5.91
CA GLY A 96 17.86 -23.19 4.83
C GLY A 96 18.94 -23.15 3.75
N SER A 97 18.89 -24.16 2.89
CA SER A 97 19.74 -24.17 1.70
C SER A 97 19.09 -25.07 0.65
N GLY A 98 19.53 -24.92 -0.59
CA GLY A 98 18.97 -25.69 -1.67
C GLY A 98 17.60 -25.17 -2.11
N THR A 99 16.53 -25.86 -1.69
CA THR A 99 15.19 -25.53 -2.13
C THR A 99 14.21 -25.14 -1.02
N ASP A 100 14.56 -25.35 0.25
CA ASP A 100 13.67 -25.08 1.38
C ASP A 100 14.29 -24.02 2.27
N PHE A 101 13.57 -22.91 2.47
CA PHE A 101 14.08 -21.81 3.29
C PHE A 101 13.02 -21.38 4.29
N THR A 102 13.48 -20.80 5.39
CA THR A 102 12.61 -20.42 6.49
C THR A 102 13.03 -19.07 7.03
N LEU A 103 12.07 -18.16 7.19
CA LEU A 103 12.28 -16.94 7.97
C LEU A 103 11.66 -17.14 9.34
N THR A 104 12.44 -16.92 10.38
CA THR A 104 11.95 -17.03 11.75
C THR A 104 12.02 -15.66 12.42
N ILE A 105 10.93 -15.25 13.04
CA ILE A 105 10.92 -14.10 13.94
C ILE A 105 10.81 -14.69 15.33
N SER A 106 11.87 -14.55 16.13
CA SER A 106 11.92 -15.20 17.42
C SER A 106 10.80 -14.72 18.33
N ARG A 107 10.51 -13.42 18.31
CA ARG A 107 9.41 -12.83 19.07
C ARG A 107 8.79 -11.74 18.23
N VAL A 108 7.55 -11.95 17.81
CA VAL A 108 6.84 -10.98 16.98
C VAL A 108 6.46 -9.77 17.84
N GLU A 109 6.54 -8.58 17.25
CA GLU A 109 5.95 -7.39 17.87
C GLU A 109 5.16 -6.59 16.84
N ALA A 110 4.41 -5.61 17.36
CA ALA A 110 3.42 -4.91 16.56
C ALA A 110 4.02 -4.29 15.31
N GLU A 111 5.23 -3.74 15.42
CA GLU A 111 5.88 -3.07 14.28
C GLU A 111 6.19 -4.02 13.13
N ASP A 112 6.21 -5.34 13.37
CA ASP A 112 6.56 -6.31 12.34
C ASP A 112 5.45 -6.55 11.33
N VAL A 113 4.27 -5.96 11.51
CA VAL A 113 3.12 -6.29 10.66
C VAL A 113 3.39 -5.84 9.23
N GLY A 114 2.91 -6.64 8.28
CA GLY A 114 3.16 -6.40 6.87
C GLY A 114 3.13 -7.70 6.10
N VAL A 115 3.60 -7.64 4.87
CA VAL A 115 3.68 -8.81 3.99
C VAL A 115 5.15 -9.12 3.73
N TYR A 116 5.53 -10.36 3.98
CA TYR A 116 6.89 -10.84 3.80
C TYR A 116 6.97 -11.60 2.48
N TYR A 117 7.96 -11.26 1.65
CA TYR A 117 8.15 -11.90 0.35
C TYR A 117 9.52 -12.55 0.29
N CYS A 118 9.58 -13.79 -0.17
CA CYS A 118 10.88 -14.36 -0.50
C CYS A 118 11.19 -14.10 -1.97
N LEU A 119 12.46 -14.22 -2.32
CA LEU A 119 12.91 -13.89 -3.66
C LEU A 119 14.17 -14.66 -4.00
N GLN A 120 14.18 -15.32 -5.16
CA GLN A 120 15.36 -16.03 -5.64
C GLN A 120 16.09 -15.18 -6.67
N ALA A 121 17.43 -15.24 -6.61
CA ALA A 121 18.30 -14.54 -7.54
C ALA A 121 19.45 -15.44 -7.96
N ARG A 122 19.16 -16.71 -8.22
CA ARG A 122 20.20 -17.69 -8.51
C ARG A 122 21.05 -17.26 -9.69
N GLN A 123 20.42 -16.95 -10.82
CA GLN A 123 21.07 -16.22 -11.91
C GLN A 123 20.85 -14.74 -11.68
N SER A 124 21.91 -13.94 -11.81
CA SER A 124 21.79 -12.50 -11.59
C SER A 124 20.74 -11.88 -12.49
N SER A 125 20.52 -12.47 -13.66
CA SER A 125 19.64 -11.93 -14.69
C SER A 125 18.18 -12.36 -14.55
N VAL A 126 17.84 -13.20 -13.57
CA VAL A 126 16.46 -13.69 -13.43
C VAL A 126 16.11 -13.67 -11.95
N LEU A 127 15.22 -12.75 -11.55
CA LEU A 127 14.74 -12.67 -10.20
C LEU A 127 13.25 -12.99 -10.16
N THR A 128 12.82 -13.69 -9.12
CA THR A 128 11.43 -14.13 -8.99
C THR A 128 11.00 -14.05 -7.54
N PHE A 129 9.87 -13.39 -7.30
CA PHE A 129 9.28 -13.29 -5.97
C PHE A 129 8.36 -14.47 -5.69
N GLY A 130 8.33 -14.87 -4.41
CA GLY A 130 7.24 -15.68 -3.92
C GLY A 130 5.96 -14.88 -3.85
N GLY A 131 4.87 -15.56 -3.49
CA GLY A 131 3.55 -14.97 -3.45
C GLY A 131 3.26 -14.12 -2.22
N GLY A 132 4.09 -14.20 -1.20
CA GLY A 132 3.95 -13.32 -0.05
C GLY A 132 3.18 -13.98 1.09
N THR A 133 3.51 -13.57 2.32
CA THR A 133 2.88 -14.05 3.53
C THR A 133 2.51 -12.84 4.39
N LYS A 134 1.23 -12.66 4.66
CA LYS A 134 0.82 -11.55 5.51
C LYS A 134 0.94 -11.97 6.97
N LEU A 135 1.73 -11.24 7.73
CA LEU A 135 1.86 -11.48 9.17
C LEU A 135 0.77 -10.69 9.88
N GLU A 136 -0.04 -11.37 10.67
CA GLU A 136 -1.10 -10.73 11.43
C GLU A 136 -0.77 -10.83 12.92
N ILE A 137 -0.75 -9.69 13.60
CA ILE A 137 -0.53 -9.66 15.04
C ILE A 137 -1.84 -10.04 15.70
N LYS A 138 -1.85 -11.16 16.42
CA LYS A 138 -3.06 -11.59 17.13
C LYS A 138 -3.11 -10.89 18.50
N ARG A 139 -3.47 -9.62 18.47
CA ARG A 139 -3.70 -8.87 19.70
C ARG A 139 -5.02 -9.30 20.31
N THR A 140 -5.40 -8.67 21.42
CA THR A 140 -6.65 -9.04 22.06
C THR A 140 -7.85 -8.50 21.28
N VAL A 141 -9.00 -9.16 21.47
CA VAL A 141 -10.25 -8.67 20.90
C VAL A 141 -10.53 -7.25 21.41
N ALA A 142 -10.97 -6.39 20.49
CA ALA A 142 -11.34 -5.01 20.81
C ALA A 142 -12.57 -4.65 19.99
N ALA A 143 -13.66 -4.31 20.66
CA ALA A 143 -14.86 -3.88 19.95
C ALA A 143 -14.61 -2.54 19.26
N PRO A 144 -15.24 -2.31 18.11
CA PRO A 144 -15.06 -1.03 17.42
C PRO A 144 -15.77 0.10 18.15
N SER A 145 -15.20 1.30 18.06
CA SER A 145 -15.92 2.52 18.37
C SER A 145 -16.60 2.98 17.09
N VAL A 146 -17.90 3.20 17.15
CA VAL A 146 -18.71 3.45 15.96
C VAL A 146 -19.17 4.91 15.95
N PHE A 147 -18.97 5.59 14.82
CA PHE A 147 -19.40 6.96 14.64
C PHE A 147 -20.08 7.08 13.29
N ILE A 148 -21.08 7.95 13.20
CA ILE A 148 -21.78 8.18 11.95
C ILE A 148 -21.74 9.66 11.62
N PHE A 149 -21.54 9.97 10.34
CA PHE A 149 -21.40 11.36 9.90
C PHE A 149 -22.47 11.69 8.86
N PRO A 150 -23.31 12.68 9.10
CA PRO A 150 -24.22 13.15 8.05
C PRO A 150 -23.44 13.82 6.93
N PRO A 151 -24.02 13.92 5.73
CA PRO A 151 -23.36 14.67 4.67
C PRO A 151 -23.27 16.15 5.02
N SER A 152 -22.27 16.81 4.46
CA SER A 152 -22.07 18.23 4.72
C SER A 152 -23.02 19.08 3.90
N ASP A 153 -23.24 20.31 4.38
CA ASP A 153 -23.99 21.30 3.61
C ASP A 153 -23.38 21.52 2.24
N GLU A 154 -22.04 21.59 2.17
CA GLU A 154 -21.37 21.85 0.90
C GLU A 154 -21.71 20.78 -0.13
N GLN A 155 -21.71 19.51 0.28
CA GLN A 155 -21.96 18.44 -0.67
C GLN A 155 -23.42 18.43 -1.11
N LEU A 156 -24.34 18.65 -0.17
CA LEU A 156 -25.76 18.61 -0.51
C LEU A 156 -26.12 19.63 -1.57
N LYS A 157 -25.40 20.75 -1.62
CA LYS A 157 -25.64 21.76 -2.65
C LYS A 157 -25.25 21.27 -4.04
N SER A 158 -24.45 20.22 -4.14
CA SER A 158 -24.01 19.68 -5.42
C SER A 158 -24.87 18.52 -5.90
N GLY A 159 -25.90 18.13 -5.16
CA GLY A 159 -26.88 17.19 -5.64
C GLY A 159 -26.74 15.76 -5.12
N THR A 160 -25.71 15.46 -4.34
CA THR A 160 -25.52 14.11 -3.81
C THR A 160 -25.23 14.18 -2.32
N ALA A 161 -25.58 13.09 -1.63
CA ALA A 161 -25.44 12.97 -0.19
C ALA A 161 -24.62 11.72 0.12
N SER A 162 -23.49 11.91 0.81
CA SER A 162 -22.67 10.80 1.28
C SER A 162 -22.81 10.71 2.79
N VAL A 163 -23.26 9.56 3.28
CA VAL A 163 -23.32 9.28 4.72
C VAL A 163 -22.21 8.29 5.04
N VAL A 164 -21.45 8.59 6.07
CA VAL A 164 -20.24 7.82 6.38
C VAL A 164 -20.39 7.24 7.78
N CYS A 165 -20.04 5.96 7.91
CA CYS A 165 -20.00 5.27 9.20
C CYS A 165 -18.58 4.79 9.45
N LEU A 166 -18.05 5.09 10.64
CA LEU A 166 -16.69 4.76 11.02
C LEU A 166 -16.69 3.71 12.13
N LEU A 167 -15.98 2.61 11.90
CA LEU A 167 -15.70 1.59 12.91
C LEU A 167 -14.22 1.70 13.25
N ASN A 168 -13.92 2.19 14.45
CA ASN A 168 -12.56 2.61 14.77
C ASN A 168 -11.89 1.64 15.73
N ASN A 169 -10.69 1.20 15.36
CA ASN A 169 -9.74 0.50 16.24
C ASN A 169 -10.34 -0.78 16.82
N PHE A 170 -10.59 -1.74 15.95
CA PHE A 170 -11.15 -3.02 16.36
C PHE A 170 -10.24 -4.18 15.94
N TYR A 171 -10.49 -5.34 16.57
CA TYR A 171 -9.78 -6.58 16.29
C TYR A 171 -10.69 -7.72 16.73
N PRO A 172 -10.81 -8.80 15.94
CA PRO A 172 -10.17 -9.03 14.63
C PRO A 172 -10.86 -8.29 13.49
N ARG A 173 -10.44 -8.59 12.25
CA ARG A 173 -10.87 -7.81 11.09
C ARG A 173 -12.33 -8.06 10.73
N GLU A 174 -12.87 -9.23 11.06
CA GLU A 174 -14.23 -9.57 10.66
C GLU A 174 -15.23 -8.63 11.32
N ALA A 175 -16.05 -7.97 10.50
CA ALA A 175 -17.04 -7.02 10.96
C ALA A 175 -18.08 -6.85 9.86
N LYS A 176 -19.32 -6.60 10.27
CA LYS A 176 -20.41 -6.38 9.33
C LYS A 176 -21.06 -5.03 9.58
N VAL A 177 -21.26 -4.26 8.51
CA VAL A 177 -21.91 -2.96 8.56
C VAL A 177 -23.23 -3.07 7.79
N GLN A 178 -24.32 -2.67 8.43
CA GLN A 178 -25.64 -2.70 7.81
C GLN A 178 -26.22 -1.29 7.85
N TRP A 179 -26.48 -0.73 6.66
CA TRP A 179 -27.14 0.56 6.57
C TRP A 179 -28.66 0.37 6.60
N LYS A 180 -29.32 1.20 7.40
CA LYS A 180 -30.78 1.21 7.48
C LYS A 180 -31.26 2.64 7.39
N VAL A 181 -32.17 2.90 6.45
CA VAL A 181 -32.75 4.21 6.23
C VAL A 181 -34.25 4.10 6.48
N ASP A 182 -34.73 4.80 7.51
CA ASP A 182 -36.12 4.68 7.95
C ASP A 182 -36.47 3.22 8.25
N ASN A 183 -35.52 2.53 8.88
CA ASN A 183 -35.60 1.13 9.29
C ASN A 183 -35.56 0.16 8.12
N ALA A 184 -35.38 0.64 6.89
CA ALA A 184 -35.30 -0.23 5.73
C ALA A 184 -33.85 -0.58 5.44
N LEU A 185 -33.55 -1.89 5.37
CA LEU A 185 -32.20 -2.34 5.05
C LEU A 185 -31.78 -1.85 3.67
N GLN A 186 -30.63 -1.22 3.61
CA GLN A 186 -30.08 -0.74 2.34
C GLN A 186 -29.25 -1.83 1.67
N SER A 187 -29.16 -1.73 0.35
CA SER A 187 -28.44 -2.75 -0.42
C SER A 187 -27.98 -2.13 -1.73
N GLY A 188 -26.73 -2.38 -2.10
CA GLY A 188 -26.19 -1.95 -3.37
C GLY A 188 -25.82 -0.50 -3.50
N ASN A 189 -25.95 0.31 -2.43
CA ASN A 189 -25.63 1.74 -2.49
C ASN A 189 -24.58 2.15 -1.47
N SER A 190 -23.78 1.21 -0.98
CA SER A 190 -22.71 1.54 -0.06
C SER A 190 -21.42 0.86 -0.51
N GLN A 191 -20.30 1.47 -0.14
CA GLN A 191 -18.97 0.91 -0.36
C GLN A 191 -18.17 1.07 0.92
N GLU A 192 -17.31 0.11 1.20
CA GLU A 192 -16.49 0.19 2.40
C GLU A 192 -15.04 -0.11 2.06
N SER A 193 -14.14 0.32 2.94
CA SER A 193 -12.76 -0.12 2.88
C SER A 193 -12.20 -0.16 4.30
N VAL A 194 -11.11 -0.90 4.45
CA VAL A 194 -10.54 -1.25 5.74
C VAL A 194 -9.06 -0.95 5.71
N THR A 195 -8.55 -0.32 6.76
CA THR A 195 -7.12 -0.09 6.86
C THR A 195 -6.40 -1.41 7.12
N GLU A 196 -5.09 -1.39 6.87
CA GLU A 196 -4.24 -2.48 7.30
C GLU A 196 -4.06 -2.42 8.82
N GLN A 197 -3.60 -3.54 9.37
CA GLN A 197 -3.39 -3.58 10.81
C GLN A 197 -2.40 -2.51 11.25
N ASP A 198 -2.77 -1.77 12.30
CA ASP A 198 -1.99 -0.64 12.77
C ASP A 198 -0.65 -1.10 13.34
N SER A 199 0.41 -0.37 12.98
CA SER A 199 1.76 -0.77 13.39
C SER A 199 2.03 -0.58 14.87
N LYS A 200 1.19 0.16 15.59
CA LYS A 200 1.37 0.41 17.02
C LYS A 200 0.41 -0.39 17.89
N ASP A 201 -0.90 -0.30 17.66
CA ASP A 201 -1.88 -0.99 18.50
C ASP A 201 -2.50 -2.21 17.82
N SER A 202 -2.12 -2.52 16.58
CA SER A 202 -2.50 -3.77 15.91
C SER A 202 -4.01 -3.89 15.68
N THR A 203 -4.73 -2.77 15.60
CA THR A 203 -6.15 -2.80 15.30
C THR A 203 -6.41 -2.48 13.83
N TYR A 204 -7.67 -2.67 13.43
CA TYR A 204 -8.19 -2.26 12.14
C TYR A 204 -9.19 -1.14 12.32
N SER A 205 -9.39 -0.37 11.26
CA SER A 205 -10.53 0.54 11.18
C SER A 205 -11.21 0.34 9.84
N LEU A 206 -12.50 0.68 9.81
CA LEU A 206 -13.34 0.47 8.65
C LEU A 206 -14.19 1.71 8.41
N SER A 207 -14.29 2.12 7.14
CA SER A 207 -15.08 3.26 6.73
C SER A 207 -16.09 2.80 5.69
N SER A 208 -17.37 3.06 5.94
CA SER A 208 -18.43 2.71 5.01
C SER A 208 -19.18 3.97 4.60
N THR A 209 -19.35 4.16 3.29
CA THR A 209 -20.04 5.32 2.73
C THR A 209 -21.34 4.89 2.09
N LEU A 210 -22.45 5.46 2.55
CA LEU A 210 -23.75 5.30 1.92
C LEU A 210 -23.99 6.49 1.01
N THR A 211 -24.29 6.23 -0.26
CA THR A 211 -24.45 7.30 -1.25
C THR A 211 -25.88 7.32 -1.77
N LEU A 212 -26.51 8.48 -1.68
CA LEU A 212 -27.84 8.72 -2.21
C LEU A 212 -27.83 10.01 -3.00
N SER A 213 -28.83 10.17 -3.85
CA SER A 213 -29.08 11.49 -4.43
C SER A 213 -29.64 12.42 -3.37
N LYS A 214 -29.39 13.71 -3.54
CA LYS A 214 -29.94 14.72 -2.64
C LYS A 214 -31.46 14.58 -2.53
N ALA A 215 -32.13 14.31 -3.66
CA ALA A 215 -33.58 14.13 -3.63
C ALA A 215 -33.98 12.91 -2.81
N ASP A 216 -33.22 11.82 -2.92
CA ASP A 216 -33.53 10.63 -2.13
C ASP A 216 -33.22 10.86 -0.66
N TYR A 217 -32.11 11.53 -0.37
CA TYR A 217 -31.74 11.81 1.01
C TYR A 217 -32.84 12.58 1.73
N GLU A 218 -33.41 13.57 1.08
CA GLU A 218 -34.45 14.39 1.70
C GLU A 218 -35.81 13.69 1.77
N LYS A 219 -35.95 12.51 1.16
CA LYS A 219 -37.19 11.75 1.29
C LYS A 219 -37.30 11.03 2.63
N HIS A 220 -36.19 10.92 3.37
CA HIS A 220 -36.13 10.05 4.54
C HIS A 220 -35.62 10.84 5.75
N LYS A 221 -35.73 10.22 6.92
CA LYS A 221 -35.51 10.91 8.18
C LYS A 221 -34.41 10.28 9.02
N VAL A 222 -34.43 8.98 9.23
CA VAL A 222 -33.51 8.31 10.15
C VAL A 222 -32.46 7.56 9.35
N TYR A 223 -31.19 7.88 9.59
CA TYR A 223 -30.08 7.21 8.94
C TYR A 223 -29.26 6.49 10.01
N ALA A 224 -29.13 5.17 9.87
CA ALA A 224 -28.57 4.33 10.90
C ALA A 224 -27.52 3.40 10.32
N CYS A 225 -26.45 3.21 11.08
CA CYS A 225 -25.38 2.26 10.78
C CYS A 225 -25.38 1.21 11.88
N GLU A 226 -25.67 -0.04 11.52
CA GLU A 226 -25.72 -1.14 12.47
C GLU A 226 -24.48 -2.01 12.30
N VAL A 227 -23.74 -2.21 13.39
CA VAL A 227 -22.42 -2.82 13.37
C VAL A 227 -22.45 -4.13 14.14
N THR A 228 -21.97 -5.21 13.51
CA THR A 228 -21.80 -6.50 14.15
C THR A 228 -20.32 -6.83 14.24
N HIS A 229 -19.86 -7.21 15.44
CA HIS A 229 -18.47 -7.55 15.66
C HIS A 229 -18.38 -8.37 16.95
N GLN A 230 -17.46 -9.33 16.98
CA GLN A 230 -17.42 -10.28 18.08
C GLN A 230 -16.99 -9.67 19.40
N GLY A 231 -16.42 -8.47 19.40
CA GLY A 231 -16.13 -7.78 20.64
C GLY A 231 -17.31 -7.09 21.29
N LEU A 232 -18.46 -7.06 20.61
CA LEU A 232 -19.65 -6.40 21.11
C LEU A 232 -20.63 -7.42 21.68
N SER A 233 -21.33 -7.03 22.76
CA SER A 233 -22.35 -7.91 23.33
C SER A 233 -23.45 -8.21 22.33
N SER A 234 -23.87 -7.19 21.58
CA SER A 234 -24.91 -7.31 20.57
C SER A 234 -24.65 -6.25 19.51
N PRO A 235 -25.32 -6.33 18.36
CA PRO A 235 -25.12 -5.30 17.34
C PRO A 235 -25.40 -3.91 17.89
N VAL A 236 -24.48 -2.99 17.62
CA VAL A 236 -24.62 -1.60 18.05
C VAL A 236 -25.05 -0.76 16.86
N THR A 237 -25.97 0.16 17.10
CA THR A 237 -26.47 1.05 16.06
C THR A 237 -26.16 2.48 16.44
N LYS A 238 -25.56 3.21 15.49
CA LYS A 238 -25.42 4.66 15.57
C LYS A 238 -26.29 5.27 14.47
N SER A 239 -26.97 6.37 14.80
CA SER A 239 -27.92 6.95 13.87
C SER A 239 -28.07 8.43 14.14
N PHE A 240 -28.68 9.13 13.18
CA PHE A 240 -29.06 10.52 13.35
C PHE A 240 -30.38 10.74 12.64
N ASN A 241 -31.10 11.77 13.07
CA ASN A 241 -32.31 12.23 12.41
C ASN A 241 -32.01 13.50 11.63
N ARG A 242 -32.32 13.46 10.32
CA ARG A 242 -32.56 14.60 9.43
C ARG A 242 -32.18 14.22 8.00
N GLY A 243 -32.38 15.14 7.07
CA GLY A 243 -32.21 14.82 5.66
C GLY A 243 -33.55 14.87 4.93
N VAL B 27 16.06 11.14 0.30
CA VAL B 27 15.62 10.02 -0.52
C VAL B 27 16.73 9.62 -1.50
N GLN B 28 17.21 8.38 -1.37
CA GLN B 28 18.35 7.92 -2.18
C GLN B 28 17.98 7.69 -3.63
N LEU B 29 16.76 7.23 -3.91
CA LEU B 29 16.29 6.98 -5.26
C LEU B 29 15.01 7.77 -5.49
N GLU B 30 15.06 8.69 -6.44
CA GLU B 30 13.95 9.58 -6.73
C GLU B 30 13.24 9.11 -8.00
N GLN B 31 11.93 8.91 -7.92
CA GLN B 31 11.16 8.49 -9.07
C GLN B 31 10.27 9.63 -9.56
N SER B 32 9.85 9.54 -10.82
CA SER B 32 8.94 10.52 -11.39
C SER B 32 7.54 10.34 -10.83
N GLY B 33 6.66 11.33 -11.12
CA GLY B 33 5.34 11.38 -10.51
C GLY B 33 4.32 10.43 -11.13
N ALA B 34 3.14 10.40 -10.51
CA ALA B 34 2.09 9.48 -10.93
C ALA B 34 1.60 9.79 -12.35
N GLU B 35 1.13 8.75 -13.04
CA GLU B 35 0.79 8.85 -14.45
C GLU B 35 -0.54 8.17 -14.72
N VAL B 36 -1.28 8.72 -15.68
CA VAL B 36 -2.48 8.08 -16.20
C VAL B 36 -2.35 8.06 -17.72
N LYS B 37 -2.59 6.89 -18.33
CA LYS B 37 -2.41 6.69 -19.75
C LYS B 37 -3.55 5.84 -20.30
N LYS B 38 -3.85 6.05 -21.57
CA LYS B 38 -4.89 5.30 -22.25
C LYS B 38 -4.40 3.92 -22.64
N PRO B 39 -5.31 2.94 -22.73
CA PRO B 39 -4.92 1.62 -23.26
C PRO B 39 -4.22 1.75 -24.60
N GLY B 40 -3.14 0.99 -24.76
CA GLY B 40 -2.40 0.97 -26.01
C GLY B 40 -1.27 1.96 -26.10
N SER B 41 -1.21 2.96 -25.21
CA SER B 41 -0.16 3.96 -25.30
C SER B 41 1.04 3.47 -24.47
N SER B 42 1.95 4.37 -24.12
CA SER B 42 3.15 4.00 -23.38
C SER B 42 3.33 4.96 -22.21
N VAL B 43 4.17 4.53 -21.27
CA VAL B 43 4.53 5.32 -20.11
C VAL B 43 6.02 5.14 -19.87
N LYS B 44 6.67 6.21 -19.41
CA LYS B 44 8.09 6.19 -19.11
C LYS B 44 8.28 6.71 -17.69
N VAL B 45 8.90 5.88 -16.84
CA VAL B 45 9.11 6.19 -15.42
C VAL B 45 10.62 6.31 -15.19
N SER B 46 11.02 7.31 -14.40
CA SER B 46 12.43 7.57 -14.16
C SER B 46 12.82 7.25 -12.73
N CYS B 47 14.11 6.99 -12.54
CA CYS B 47 14.68 6.67 -11.24
C CYS B 47 16.06 7.28 -11.18
N LYS B 48 16.23 8.30 -10.33
CA LYS B 48 17.48 9.05 -10.24
C LYS B 48 18.21 8.66 -8.97
N ALA B 49 19.49 8.32 -9.10
CA ALA B 49 20.35 7.98 -7.98
C ALA B 49 21.48 9.00 -7.89
N SER B 50 22.26 8.91 -6.83
CA SER B 50 23.48 9.69 -6.79
C SER B 50 24.46 9.18 -7.85
N GLY B 51 25.42 10.03 -8.21
CA GLY B 51 26.51 9.66 -9.07
C GLY B 51 27.18 8.37 -8.64
N PRO B 52 27.76 8.34 -7.44
CA PRO B 52 28.45 7.11 -7.00
C PRO B 52 27.54 5.90 -6.91
N MET B 53 26.28 6.08 -6.53
CA MET B 53 25.36 4.95 -6.48
C MET B 53 25.12 4.40 -7.88
N PHE B 54 24.81 5.30 -8.82
CA PHE B 54 24.54 4.92 -10.20
C PHE B 54 25.67 4.10 -10.79
N SER B 55 26.92 4.49 -10.55
CA SER B 55 28.04 3.85 -11.21
C SER B 55 28.38 2.48 -10.63
N ARG B 56 27.88 2.12 -9.45
CA ARG B 56 28.24 0.85 -8.83
C ARG B 56 27.05 -0.11 -8.72
N SER B 57 25.97 0.13 -9.46
CA SER B 57 24.71 -0.53 -9.15
C SER B 57 24.04 -1.09 -10.40
N ALA B 58 23.26 -2.15 -10.18
CA ALA B 58 22.16 -2.53 -11.06
C ALA B 58 20.86 -1.98 -10.48
N PHE B 59 19.86 -1.80 -11.34
CA PHE B 59 18.57 -1.28 -10.92
C PHE B 59 17.47 -2.20 -11.42
N SER B 60 16.72 -2.77 -10.49
CA SER B 60 15.57 -3.60 -10.79
C SER B 60 14.30 -2.74 -10.86
N TRP B 61 13.36 -3.18 -11.68
CA TRP B 61 12.03 -2.61 -11.69
C TRP B 61 11.05 -3.66 -11.19
N VAL B 62 10.30 -3.31 -10.15
CA VAL B 62 9.37 -4.20 -9.47
C VAL B 62 8.01 -3.50 -9.42
N ARG B 63 6.97 -4.18 -9.89
CA ARG B 63 5.64 -3.56 -9.88
C ARG B 63 4.70 -4.32 -8.96
N GLN B 64 3.64 -3.63 -8.57
CA GLN B 64 2.66 -4.20 -7.64
C GLN B 64 1.29 -3.70 -8.05
N ALA B 65 0.48 -4.59 -8.61
CA ALA B 65 -0.90 -4.25 -8.93
C ALA B 65 -1.68 -4.06 -7.63
N PRO B 66 -2.79 -3.32 -7.68
CA PRO B 66 -3.53 -3.00 -6.44
C PRO B 66 -3.94 -4.26 -5.70
N GLY B 67 -3.50 -4.38 -4.46
CA GLY B 67 -3.83 -5.51 -3.61
C GLY B 67 -3.08 -6.79 -3.91
N GLN B 68 -2.13 -6.76 -4.84
CA GLN B 68 -1.41 -7.95 -5.29
C GLN B 68 0.02 -7.96 -4.75
N GLY B 69 0.78 -8.99 -5.13
CA GLY B 69 2.14 -9.15 -4.68
C GLY B 69 3.14 -8.46 -5.60
N LEU B 70 4.42 -8.62 -5.26
CA LEU B 70 5.51 -8.01 -6.04
C LEU B 70 5.85 -8.84 -7.27
N GLU B 71 6.20 -8.16 -8.35
CA GLU B 71 6.55 -8.83 -9.60
C GLU B 71 7.77 -8.15 -10.21
N TRP B 72 8.84 -8.92 -10.36
CA TRP B 72 10.08 -8.42 -10.94
C TRP B 72 9.94 -8.30 -12.46
N MET B 73 10.20 -7.12 -12.99
CA MET B 73 10.08 -6.88 -14.43
C MET B 73 11.40 -7.03 -15.17
N GLY B 74 12.52 -6.85 -14.50
CA GLY B 74 13.82 -6.89 -15.13
C GLY B 74 14.77 -5.96 -14.40
N ARG B 75 15.98 -5.86 -14.96
CA ARG B 75 17.03 -5.03 -14.39
C ARG B 75 17.83 -4.39 -15.52
N ILE B 76 18.46 -3.26 -15.19
CA ILE B 76 19.47 -2.63 -16.03
C ILE B 76 20.73 -2.47 -15.19
N ILE B 77 21.89 -2.70 -15.81
CA ILE B 77 23.16 -2.27 -15.24
C ILE B 77 23.64 -1.06 -16.04
N PRO B 78 23.42 0.16 -15.56
CA PRO B 78 23.70 1.34 -16.41
C PRO B 78 25.15 1.45 -16.86
N THR B 79 26.11 1.03 -16.03
CA THR B 79 27.51 1.21 -16.37
C THR B 79 27.88 0.49 -17.67
N VAL B 80 27.36 -0.72 -17.88
CA VAL B 80 27.64 -1.50 -19.07
C VAL B 80 26.44 -1.56 -20.02
N ASP B 81 25.41 -0.76 -19.77
CA ASP B 81 24.21 -0.70 -20.61
C ASP B 81 23.63 -2.09 -20.87
N LEU B 82 23.66 -2.93 -19.84
CA LEU B 82 23.17 -4.29 -19.91
C LEU B 82 21.76 -4.35 -19.37
N LYS B 83 20.89 -5.07 -20.07
CA LYS B 83 19.51 -5.18 -19.64
C LYS B 83 19.05 -6.62 -19.71
N ASN B 84 18.29 -7.03 -18.69
CA ASN B 84 17.62 -8.32 -18.66
C ASN B 84 16.14 -8.06 -18.39
N TYR B 85 15.28 -8.73 -19.15
CA TYR B 85 13.84 -8.55 -19.01
C TYR B 85 13.20 -9.85 -18.54
N ALA B 86 12.25 -9.74 -17.61
CA ALA B 86 11.42 -10.89 -17.27
C ALA B 86 10.69 -11.38 -18.52
N GLN B 87 10.54 -12.70 -18.63
CA GLN B 87 9.88 -13.27 -19.81
C GLN B 87 8.53 -12.64 -20.06
N LYS B 88 7.76 -12.41 -19.00
CA LYS B 88 6.40 -11.87 -19.14
C LYS B 88 6.40 -10.50 -19.82
N PHE B 89 7.52 -9.79 -19.79
CA PHE B 89 7.57 -8.43 -20.30
C PHE B 89 8.46 -8.25 -21.52
N GLN B 90 9.17 -9.29 -21.96
CA GLN B 90 10.04 -9.18 -23.12
C GLN B 90 9.26 -8.73 -24.33
N GLY B 91 9.75 -7.68 -24.98
CA GLY B 91 9.14 -7.17 -26.19
C GLY B 91 8.35 -5.88 -26.02
N ARG B 92 7.86 -5.58 -24.82
CA ARG B 92 7.16 -4.31 -24.66
C ARG B 92 7.64 -3.49 -23.47
N VAL B 93 8.74 -3.88 -22.83
CA VAL B 93 9.43 -3.06 -21.84
C VAL B 93 10.82 -2.73 -22.36
N THR B 94 11.27 -1.51 -22.07
CA THR B 94 12.63 -1.11 -22.41
C THR B 94 13.18 -0.28 -21.26
N PHE B 95 14.38 -0.66 -20.79
CA PHE B 95 15.12 0.14 -19.83
C PHE B 95 16.20 0.93 -20.56
N THR B 96 16.39 2.18 -20.16
CA THR B 96 17.47 3.01 -20.68
C THR B 96 18.11 3.75 -19.51
N ALA B 97 19.28 4.33 -19.76
CA ALA B 97 19.99 5.04 -18.72
C ALA B 97 20.71 6.24 -19.31
N ASP B 98 20.73 7.33 -18.55
CA ASP B 98 21.47 8.55 -18.89
C ASP B 98 22.58 8.69 -17.87
N LYS B 99 23.81 8.35 -18.27
CA LYS B 99 24.95 8.41 -17.36
C LYS B 99 25.24 9.83 -16.91
N SER B 100 24.89 10.83 -17.73
CA SER B 100 25.21 12.21 -17.38
C SER B 100 24.31 12.75 -16.27
N THR B 101 23.14 12.16 -16.04
CA THR B 101 22.24 12.59 -14.98
C THR B 101 21.99 11.51 -13.95
N ALA B 102 22.70 10.38 -14.01
CA ALA B 102 22.54 9.27 -13.06
C ALA B 102 21.08 8.86 -12.93
N THR B 103 20.39 8.79 -14.07
CA THR B 103 18.96 8.48 -14.10
C THR B 103 18.74 7.30 -15.04
N SER B 104 18.01 6.29 -14.56
CA SER B 104 17.59 5.21 -15.44
C SER B 104 16.08 5.29 -15.64
N TYR B 105 15.60 4.67 -16.71
CA TYR B 105 14.22 4.83 -17.16
C TYR B 105 13.61 3.48 -17.48
N MET B 106 12.33 3.33 -17.15
CA MET B 106 11.53 2.18 -17.55
C MET B 106 10.42 2.67 -18.48
N GLU B 107 10.36 2.11 -19.68
CA GLU B 107 9.31 2.41 -20.63
C GLU B 107 8.50 1.16 -20.89
N LEU B 108 7.20 1.23 -20.62
CA LEU B 108 6.28 0.11 -20.84
C LEU B 108 5.30 0.50 -21.93
N ARG B 109 5.25 -0.29 -23.00
CA ARG B 109 4.46 0.02 -24.18
C ARG B 109 3.19 -0.83 -24.23
N SER B 110 2.32 -0.49 -25.19
CA SER B 110 1.07 -1.20 -25.43
C SER B 110 0.32 -1.49 -24.13
N LEU B 111 0.09 -0.43 -23.35
CA LEU B 111 -0.44 -0.57 -22.00
C LEU B 111 -1.80 -1.24 -22.00
N LYS B 112 -2.03 -2.10 -21.01
CA LYS B 112 -3.29 -2.77 -20.79
C LYS B 112 -3.81 -2.44 -19.40
N SER B 113 -5.10 -2.72 -19.17
CA SER B 113 -5.68 -2.47 -17.85
C SER B 113 -4.89 -3.16 -16.75
N GLU B 114 -4.39 -4.36 -17.04
CA GLU B 114 -3.61 -5.15 -16.10
C GLU B 114 -2.30 -4.48 -15.69
N ASP B 115 -1.88 -3.41 -16.38
CA ASP B 115 -0.63 -2.73 -16.08
C ASP B 115 -0.79 -1.63 -15.03
N THR B 116 -2.02 -1.32 -14.60
CA THR B 116 -2.22 -0.40 -13.48
C THR B 116 -1.55 -0.95 -12.24
N ALA B 117 -0.59 -0.21 -11.70
CA ALA B 117 0.27 -0.73 -10.65
C ALA B 117 1.11 0.41 -10.10
N VAL B 118 1.75 0.14 -8.97
CA VAL B 118 2.87 0.95 -8.51
C VAL B 118 4.16 0.32 -9.02
N TYR B 119 5.01 1.13 -9.63
CA TYR B 119 6.26 0.67 -10.21
C TYR B 119 7.40 1.16 -9.33
N TYR B 120 8.17 0.22 -8.75
CA TYR B 120 9.27 0.55 -7.85
C TYR B 120 10.61 0.40 -8.55
N CYS B 121 11.49 1.36 -8.30
CA CYS B 121 12.91 1.23 -8.62
C CYS B 121 13.62 0.64 -7.41
N ALA B 122 14.48 -0.36 -7.63
CA ALA B 122 15.24 -0.94 -6.54
C ALA B 122 16.69 -1.17 -6.97
N ARG B 123 17.62 -0.68 -6.15
CA ARG B 123 19.05 -0.78 -6.42
C ARG B 123 19.60 -2.09 -5.86
N MET B 124 20.59 -2.65 -6.56
CA MET B 124 21.28 -3.84 -6.10
C MET B 124 22.65 -3.91 -6.76
N GLY B 125 23.53 -4.70 -6.13
CA GLY B 125 24.84 -4.93 -6.71
C GLY B 125 24.76 -5.89 -7.87
N SER B 126 25.71 -5.78 -8.79
CA SER B 126 25.82 -6.65 -9.94
C SER B 126 26.61 -7.90 -9.58
N GLY B 127 26.08 -9.06 -9.96
CA GLY B 127 26.88 -10.29 -9.98
C GLY B 127 27.42 -10.64 -8.61
N SER B 128 28.75 -10.74 -8.52
CA SER B 128 29.41 -11.10 -7.27
C SER B 128 29.19 -10.06 -6.16
N SER B 129 28.68 -8.88 -6.49
CA SER B 129 28.36 -7.85 -5.50
C SER B 129 26.87 -7.82 -5.16
N TYR B 130 26.10 -8.79 -5.63
CA TYR B 130 24.68 -8.83 -5.31
C TYR B 130 24.50 -9.27 -3.86
N TYR B 131 23.95 -8.39 -3.04
CA TYR B 131 23.63 -8.70 -1.65
C TYR B 131 22.22 -8.22 -1.32
N GLY B 132 21.30 -8.43 -2.26
CA GLY B 132 19.93 -8.05 -2.10
C GLY B 132 19.62 -6.71 -2.72
N MET B 133 18.34 -6.46 -2.95
CA MET B 133 17.88 -5.15 -3.36
C MET B 133 17.74 -4.32 -2.08
N ASP B 134 18.80 -3.59 -1.73
CA ASP B 134 18.91 -2.98 -0.41
C ASP B 134 18.37 -1.54 -0.34
N VAL B 135 18.21 -0.87 -1.47
CA VAL B 135 17.68 0.49 -1.51
C VAL B 135 16.53 0.53 -2.50
N TRP B 136 15.38 1.05 -2.06
CA TRP B 136 14.16 1.06 -2.85
C TRP B 136 13.66 2.49 -3.00
N GLY B 137 13.14 2.80 -4.18
CA GLY B 137 12.41 4.03 -4.38
C GLY B 137 11.05 3.98 -3.72
N LEU B 138 10.37 5.13 -3.76
CA LEU B 138 9.05 5.25 -3.17
C LEU B 138 7.96 4.69 -4.05
N GLY B 139 8.23 4.48 -5.33
CA GLY B 139 7.22 3.94 -6.22
C GLY B 139 6.52 5.03 -7.01
N THR B 140 6.06 4.66 -8.20
CA THR B 140 5.33 5.56 -9.09
C THR B 140 4.02 4.87 -9.44
N THR B 141 2.91 5.53 -9.16
CA THR B 141 1.60 4.97 -9.49
C THR B 141 1.30 5.23 -10.96
N VAL B 142 1.03 4.16 -11.71
CA VAL B 142 0.65 4.26 -13.12
C VAL B 142 -0.75 3.69 -13.25
N THR B 143 -1.66 4.48 -13.80
CA THR B 143 -3.04 4.06 -13.99
C THR B 143 -3.35 4.02 -15.48
N VAL B 144 -3.87 2.90 -15.94
CA VAL B 144 -4.27 2.73 -17.34
C VAL B 144 -5.79 2.87 -17.41
N SER B 145 -6.26 3.88 -18.14
CA SER B 145 -7.68 4.16 -18.18
C SER B 145 -8.05 4.84 -19.49
N SER B 146 -9.16 4.40 -20.08
CA SER B 146 -9.67 5.07 -21.27
C SER B 146 -10.27 6.42 -20.95
N GLY B 147 -10.61 6.67 -19.68
CA GLY B 147 -10.91 8.00 -19.21
C GLY B 147 -9.67 8.61 -18.55
N ALA B 148 -8.67 8.94 -19.36
CA ALA B 148 -7.35 9.32 -18.85
C ALA B 148 -7.28 10.84 -18.65
N SER B 149 -8.06 11.30 -17.69
CA SER B 149 -8.13 12.72 -17.35
C SER B 149 -7.94 12.87 -15.84
N THR B 150 -6.87 13.56 -15.45
CA THR B 150 -6.68 13.91 -14.05
C THR B 150 -7.79 14.84 -13.58
N LYS B 151 -8.33 14.56 -12.39
CA LYS B 151 -9.44 15.34 -11.84
C LYS B 151 -9.24 15.54 -10.36
N GLY B 152 -9.34 16.79 -9.91
CA GLY B 152 -9.13 17.12 -8.52
C GLY B 152 -10.30 16.70 -7.64
N PRO B 153 -10.01 16.41 -6.37
CA PRO B 153 -11.06 15.94 -5.47
C PRO B 153 -11.89 17.08 -4.91
N SER B 154 -13.11 16.74 -4.54
CA SER B 154 -13.93 17.59 -3.69
C SER B 154 -13.73 17.13 -2.25
N VAL B 155 -13.46 18.07 -1.35
CA VAL B 155 -13.16 17.74 0.04
C VAL B 155 -14.31 18.25 0.91
N PHE B 156 -14.97 17.34 1.62
CA PHE B 156 -16.10 17.69 2.46
C PHE B 156 -15.85 17.32 3.91
N PRO B 157 -16.30 18.13 4.86
CA PRO B 157 -16.07 17.82 6.27
C PRO B 157 -16.91 16.63 6.72
N LEU B 158 -16.35 15.87 7.65
CA LEU B 158 -17.06 14.87 8.42
C LEU B 158 -17.12 15.44 9.84
N ALA B 159 -18.22 16.12 10.15
CA ALA B 159 -18.24 16.96 11.34
C ALA B 159 -18.52 16.14 12.60
N PRO B 160 -17.86 16.44 13.71
CA PRO B 160 -18.12 15.72 14.96
C PRO B 160 -19.42 16.16 15.63
N SER B 161 -19.91 15.26 16.50
CA SER B 161 -21.09 15.32 17.36
C SER B 161 -21.76 13.94 17.33
N SER B 162 -22.96 13.84 17.89
CA SER B 162 -23.70 12.57 17.92
C SER B 162 -22.90 11.47 18.61
N GLY B 168 -16.10 10.16 25.90
CA GLY B 168 -14.96 11.04 26.09
C GLY B 168 -14.15 11.28 24.83
N THR B 169 -14.35 10.43 23.83
CA THR B 169 -13.63 10.51 22.56
C THR B 169 -14.59 10.82 21.43
N ALA B 170 -14.22 11.79 20.60
CA ALA B 170 -14.99 12.17 19.43
C ALA B 170 -14.21 11.86 18.16
N ALA B 171 -14.93 11.73 17.05
CA ALA B 171 -14.31 11.48 15.76
C ALA B 171 -14.71 12.56 14.76
N LEU B 172 -13.77 12.91 13.89
CA LEU B 172 -14.04 13.84 12.82
C LEU B 172 -13.18 13.44 11.64
N GLY B 173 -13.42 14.07 10.49
CA GLY B 173 -12.69 13.63 9.31
C GLY B 173 -12.99 14.51 8.12
N CYS B 174 -12.41 14.09 6.98
CA CYS B 174 -12.63 14.71 5.69
C CYS B 174 -12.98 13.62 4.68
N LEU B 175 -13.95 13.92 3.83
CA LEU B 175 -14.32 13.04 2.73
C LEU B 175 -13.71 13.61 1.46
N VAL B 176 -12.84 12.81 0.82
CA VAL B 176 -12.09 13.24 -0.36
C VAL B 176 -12.70 12.52 -1.55
N LYS B 177 -13.58 13.19 -2.27
CA LYS B 177 -14.49 12.52 -3.20
C LYS B 177 -14.20 12.90 -4.65
N ASP B 178 -14.45 11.95 -5.55
CA ASP B 178 -14.50 12.18 -7.00
C ASP B 178 -13.18 12.72 -7.55
N TYR B 179 -12.10 12.02 -7.28
CA TYR B 179 -10.80 12.36 -7.87
C TYR B 179 -10.31 11.22 -8.73
N PHE B 180 -9.29 11.51 -9.54
CA PHE B 180 -8.70 10.54 -10.45
C PHE B 180 -7.42 11.13 -11.02
N PRO B 181 -6.32 10.36 -11.10
CA PRO B 181 -6.23 9.00 -10.59
C PRO B 181 -5.67 8.97 -9.18
N GLU B 182 -5.37 7.77 -8.70
CA GLU B 182 -4.57 7.61 -7.51
C GLU B 182 -3.17 8.18 -7.74
N PRO B 183 -2.49 8.64 -6.67
CA PRO B 183 -2.94 8.64 -5.28
C PRO B 183 -3.27 10.02 -4.71
N VAL B 184 -3.77 9.99 -3.48
CA VAL B 184 -3.97 11.18 -2.66
C VAL B 184 -3.26 10.95 -1.34
N THR B 185 -2.70 12.01 -0.76
CA THR B 185 -2.22 11.96 0.61
C THR B 185 -2.99 12.99 1.45
N VAL B 186 -3.17 12.67 2.73
CA VAL B 186 -3.90 13.52 3.65
C VAL B 186 -3.08 13.69 4.92
N SER B 187 -2.94 14.92 5.37
CA SER B 187 -2.37 15.22 6.67
C SER B 187 -3.37 16.06 7.45
N TRP B 188 -3.13 16.20 8.76
CA TRP B 188 -3.99 16.97 9.62
C TRP B 188 -3.16 18.06 10.30
N ASN B 189 -3.69 19.28 10.29
CA ASN B 189 -3.03 20.45 10.89
C ASN B 189 -1.60 20.56 10.40
N SER B 190 -1.43 20.40 9.08
CA SER B 190 -0.13 20.47 8.41
C SER B 190 0.88 19.51 9.03
N GLY B 191 0.40 18.36 9.49
CA GLY B 191 1.27 17.32 10.03
C GLY B 191 1.53 17.40 11.51
N ALA B 192 1.02 18.43 12.20
CA ALA B 192 1.16 18.52 13.65
C ALA B 192 0.31 17.48 14.38
N LEU B 193 -0.73 16.97 13.75
CA LEU B 193 -1.64 16.01 14.35
C LEU B 193 -1.49 14.70 13.63
N THR B 194 -0.87 13.72 14.29
CA THR B 194 -0.73 12.37 13.72
C THR B 194 -1.37 11.29 14.57
N SER B 195 -1.48 11.46 15.88
CA SER B 195 -2.06 10.42 16.72
C SER B 195 -3.55 10.28 16.44
N GLY B 196 -4.02 9.04 16.30
CA GLY B 196 -5.42 8.77 16.04
C GLY B 196 -5.85 8.94 14.60
N VAL B 197 -4.94 9.26 13.69
CA VAL B 197 -5.29 9.51 12.29
C VAL B 197 -5.41 8.19 11.55
N HIS B 198 -6.50 8.01 10.81
CA HIS B 198 -6.66 6.89 9.90
C HIS B 198 -7.08 7.41 8.54
N THR B 199 -6.27 7.17 7.53
CA THR B 199 -6.64 7.47 6.15
C THR B 199 -6.86 6.14 5.44
N PHE B 200 -8.07 5.96 4.92
CA PHE B 200 -8.53 4.68 4.39
C PHE B 200 -8.16 4.50 2.92
N PRO B 201 -8.02 3.26 2.47
CA PRO B 201 -7.87 3.02 1.04
C PRO B 201 -9.07 3.56 0.28
N ALA B 202 -8.80 4.20 -0.85
CA ALA B 202 -9.87 4.71 -1.69
C ALA B 202 -10.66 3.57 -2.30
N VAL B 203 -11.92 3.85 -2.62
CA VAL B 203 -12.76 2.91 -3.35
C VAL B 203 -13.06 3.52 -4.71
N LEU B 204 -13.19 2.66 -5.71
CA LEU B 204 -13.56 3.07 -7.06
C LEU B 204 -15.07 3.10 -7.15
N GLN B 205 -15.63 4.30 -7.30
CA GLN B 205 -17.07 4.47 -7.36
C GLN B 205 -17.60 4.07 -8.74
N SER B 206 -18.93 3.98 -8.83
CA SER B 206 -19.54 3.56 -10.10
C SER B 206 -19.25 4.54 -11.23
N SER B 207 -19.00 5.81 -10.90
CA SER B 207 -18.65 6.81 -11.91
C SER B 207 -17.25 6.63 -12.49
N GLY B 208 -16.46 5.72 -11.94
CA GLY B 208 -15.06 5.60 -12.33
C GLY B 208 -14.11 6.50 -11.58
N LEU B 209 -14.60 7.31 -10.64
CA LEU B 209 -13.76 8.19 -9.84
C LEU B 209 -13.58 7.59 -8.44
N TYR B 210 -12.48 7.96 -7.80
CA TYR B 210 -12.16 7.44 -6.47
C TYR B 210 -12.78 8.31 -5.39
N SER B 211 -12.99 7.69 -4.23
CA SER B 211 -13.43 8.39 -3.03
C SER B 211 -12.70 7.81 -1.83
N LEU B 212 -12.32 8.68 -0.90
CA LEU B 212 -11.47 8.32 0.21
C LEU B 212 -11.90 9.12 1.43
N SER B 213 -11.82 8.52 2.61
CA SER B 213 -12.05 9.25 3.85
C SER B 213 -10.80 9.19 4.70
N SER B 214 -10.59 10.25 5.47
CA SER B 214 -9.52 10.31 6.46
C SER B 214 -10.14 10.82 7.75
N VAL B 215 -9.89 10.13 8.86
CA VAL B 215 -10.53 10.46 10.12
C VAL B 215 -9.46 10.58 11.20
N VAL B 216 -9.87 11.18 12.32
CA VAL B 216 -9.03 11.26 13.50
C VAL B 216 -9.95 11.25 14.71
N THR B 217 -9.53 10.55 15.76
CA THR B 217 -10.23 10.59 17.04
C THR B 217 -9.46 11.51 17.97
N VAL B 218 -10.19 12.31 18.74
CA VAL B 218 -9.60 13.34 19.59
C VAL B 218 -10.38 13.39 20.91
N PRO B 219 -9.87 14.07 21.93
CA PRO B 219 -10.68 14.29 23.14
C PRO B 219 -11.92 15.11 22.79
N SER B 220 -13.07 14.67 23.29
CA SER B 220 -14.30 15.43 23.11
C SER B 220 -14.16 16.85 23.64
N SER B 221 -13.40 17.01 24.73
CA SER B 221 -13.18 18.34 25.30
C SER B 221 -12.42 19.27 24.36
N SER B 222 -11.79 18.72 23.32
CA SER B 222 -11.03 19.55 22.40
C SER B 222 -11.87 20.18 21.32
N LEU B 223 -13.13 19.74 21.15
CA LEU B 223 -13.93 20.20 20.03
C LEU B 223 -14.23 21.70 20.11
N GLY B 224 -14.30 22.24 21.32
CA GLY B 224 -14.59 23.66 21.45
C GLY B 224 -13.40 24.58 21.40
N THR B 225 -12.17 24.05 21.48
CA THR B 225 -10.98 24.88 21.57
C THR B 225 -9.93 24.63 20.49
N GLN B 226 -9.93 23.46 19.87
CA GLN B 226 -8.92 23.10 18.88
C GLN B 226 -9.52 23.12 17.47
N THR B 227 -8.86 23.83 16.56
CA THR B 227 -9.22 23.80 15.14
C THR B 227 -8.62 22.56 14.48
N TYR B 228 -9.42 21.91 13.62
CA TYR B 228 -8.98 20.72 12.89
C TYR B 228 -9.10 20.98 11.40
N ILE B 229 -7.98 20.82 10.68
CA ILE B 229 -7.88 21.07 9.25
C ILE B 229 -7.21 19.87 8.59
N CYS B 230 -7.87 19.28 7.60
CA CYS B 230 -7.22 18.26 6.80
C CYS B 230 -6.58 18.91 5.59
N ASN B 231 -5.36 18.48 5.28
CA ASN B 231 -4.61 18.96 4.13
C ASN B 231 -4.57 17.84 3.11
N VAL B 232 -5.23 18.04 1.98
CA VAL B 232 -5.38 17.01 0.96
C VAL B 232 -4.52 17.38 -0.22
N ASN B 233 -3.61 16.48 -0.61
CA ASN B 233 -2.69 16.68 -1.72
C ASN B 233 -3.01 15.66 -2.81
N HIS B 234 -3.41 16.15 -3.98
CA HIS B 234 -3.61 15.30 -5.16
C HIS B 234 -2.68 15.83 -6.25
N LYS B 235 -1.47 15.27 -6.31
CA LYS B 235 -0.44 15.77 -7.19
C LYS B 235 -0.74 15.60 -8.68
N PRO B 236 -1.43 14.54 -9.13
CA PRO B 236 -1.76 14.46 -10.57
C PRO B 236 -2.53 15.67 -11.09
N SER B 237 -3.21 16.42 -10.23
CA SER B 237 -3.85 17.67 -10.64
C SER B 237 -3.19 18.88 -9.98
N ASN B 238 -2.05 18.68 -9.32
CA ASN B 238 -1.37 19.73 -8.56
C ASN B 238 -2.35 20.42 -7.61
N THR B 239 -3.23 19.63 -7.00
CA THR B 239 -4.24 20.14 -6.09
C THR B 239 -3.77 20.00 -4.64
N LYS B 240 -3.80 21.10 -3.91
CA LYS B 240 -3.71 21.09 -2.45
C LYS B 240 -4.98 21.76 -1.92
N VAL B 241 -5.64 21.12 -0.97
CA VAL B 241 -6.86 21.66 -0.38
C VAL B 241 -6.75 21.55 1.13
N ASP B 242 -7.06 22.64 1.84
CA ASP B 242 -7.21 22.63 3.28
C ASP B 242 -8.69 22.79 3.59
N LYS B 243 -9.23 21.87 4.38
CA LYS B 243 -10.64 21.92 4.76
C LYS B 243 -10.73 21.99 6.28
N ARG B 244 -11.25 23.09 6.79
CA ARG B 244 -11.54 23.19 8.22
C ARG B 244 -12.78 22.36 8.54
N VAL B 245 -12.68 21.54 9.58
CA VAL B 245 -13.76 20.62 9.96
C VAL B 245 -14.33 21.12 11.28
N GLU B 246 -15.47 21.80 11.22
CA GLU B 246 -16.07 22.40 12.40
C GLU B 246 -17.18 21.52 12.97
N PRO B 247 -17.23 21.35 14.29
CA PRO B 247 -18.22 20.54 15.00
C PRO B 247 -19.66 21.01 14.83
N VAL C 1 27.07 -11.53 -19.83
CA VAL C 1 28.30 -12.22 -19.46
C VAL C 1 28.01 -13.35 -18.48
N ALA C 2 28.40 -14.57 -18.86
CA ALA C 2 28.10 -15.75 -18.05
C ALA C 2 28.69 -15.64 -16.65
N LEU C 3 29.88 -15.05 -16.54
CA LEU C 3 30.51 -14.86 -15.24
C LEU C 3 29.65 -14.02 -14.32
N GLU C 4 29.15 -12.88 -14.83
CA GLU C 4 28.30 -12.02 -14.01
C GLU C 4 27.00 -12.73 -13.64
N ASN C 5 26.46 -13.51 -14.58
CA ASN C 5 25.18 -14.17 -14.36
C ASN C 5 25.25 -15.18 -13.22
N GLN C 6 26.41 -15.80 -13.01
CA GLN C 6 26.60 -16.77 -11.95
C GLN C 6 27.16 -16.14 -10.67
N HIS C 7 27.17 -14.81 -10.58
CA HIS C 7 27.65 -14.07 -9.41
C HIS C 7 29.14 -14.28 -9.17
N THR C 8 29.91 -14.42 -10.24
CA THR C 8 31.36 -14.58 -10.15
C THR C 8 32.11 -13.27 -10.30
N ILE C 9 31.62 -12.33 -11.12
CA ILE C 9 32.22 -11.02 -11.26
C ILE C 9 31.14 -9.97 -11.12
N ASP C 10 31.58 -8.72 -11.07
CA ASP C 10 30.73 -7.55 -10.96
C ASP C 10 31.00 -6.67 -12.18
N LEU C 11 30.00 -6.51 -13.05
CA LEU C 11 30.20 -5.79 -14.30
C LEU C 11 30.28 -4.28 -14.11
N THR C 12 30.03 -3.76 -12.91
CA THR C 12 30.30 -2.35 -12.65
C THR C 12 31.77 -2.10 -12.32
N ASP C 13 32.52 -3.17 -12.03
CA ASP C 13 34.00 -3.27 -12.08
C ASP C 13 34.47 -4.41 -11.19
#